data_6W90
#
_entry.id   6W90
#
_cell.length_a   33.500
_cell.length_b   51.990
_cell.length_c   66.410
_cell.angle_alpha   90.000
_cell.angle_beta   90.000
_cell.angle_gamma   90.000
#
_symmetry.space_group_name_H-M   'P 21 21 21'
#
loop_
_entity.id
_entity.type
_entity.pdbx_description
1 polymer 'NTF2 fold protein loop-helix-loop design NT-9'
2 non-polymer 1,2-Distearoyl-sn-glycerophosphoethanolamine
3 water water
#
_entity_poly.entity_id   1
_entity_poly.type   'polypeptide(L)'
_entity_poly.pdbx_seq_one_letter_code
;GSHMSREEIRKVVEEYIRLLYTDPDQFKKAARDKLLSPDVRIEIGNYTFDSRNLDRFLDAMQEWASRYDRVEIRKVQVDG
NHVRVEIELESNGKKWTFEIEVEVRNGKIKRIRQQVDPEYKKVVQNLWNNT
;
_entity_poly.pdbx_strand_id   A
#
# COMPACT_ATOMS: atom_id res chain seq x y z
N SER A 2 -16.34 -12.01 -8.47
CA SER A 2 -15.48 -13.01 -7.77
C SER A 2 -14.50 -12.31 -6.84
N HIS A 3 -14.76 -12.40 -5.54
CA HIS A 3 -13.90 -11.80 -4.53
C HIS A 3 -12.89 -12.82 -4.04
N MET A 4 -11.85 -12.32 -3.39
CA MET A 4 -10.76 -13.21 -3.05
C MET A 4 -10.80 -13.61 -1.58
N SER A 5 -10.22 -14.77 -1.31
CA SER A 5 -10.11 -15.29 0.05
C SER A 5 -8.94 -14.62 0.75
N ARG A 6 -8.89 -14.77 2.07
CA ARG A 6 -7.74 -14.27 2.83
C ARG A 6 -6.44 -14.82 2.26
N GLU A 7 -6.43 -16.10 1.93
CA GLU A 7 -5.20 -16.73 1.46
C GLU A 7 -4.78 -16.19 0.09
N GLU A 8 -5.73 -15.98 -0.80
CA GLU A 8 -5.44 -15.39 -2.11
C GLU A 8 -4.91 -13.97 -1.96
N ILE A 9 -5.50 -13.18 -1.07
N ILE A 9 -5.53 -13.17 -1.10
CA ILE A 9 -4.99 -11.82 -0.91
CA ILE A 9 -5.01 -11.81 -0.84
C ILE A 9 -3.59 -11.84 -0.27
C ILE A 9 -3.59 -11.87 -0.30
N ARG A 10 -3.36 -12.74 0.69
CA ARG A 10 -2.02 -12.83 1.26
C ARG A 10 -1.00 -13.12 0.18
N LYS A 11 -1.33 -14.04 -0.75
CA LYS A 11 -0.40 -14.36 -1.85
C LYS A 11 -0.10 -13.13 -2.72
N VAL A 12 -1.12 -12.31 -3.01
CA VAL A 12 -0.88 -11.13 -3.85
C VAL A 12 0.00 -10.14 -3.11
N VAL A 13 -0.33 -9.87 -1.85
CA VAL A 13 0.45 -8.93 -1.07
C VAL A 13 1.90 -9.38 -1.01
N GLU A 14 2.12 -10.68 -0.77
CA GLU A 14 3.48 -11.20 -0.63
C GLU A 14 4.26 -11.01 -1.92
N GLU A 15 3.59 -11.20 -3.04
CA GLU A 15 4.28 -11.03 -4.32
C GLU A 15 4.68 -9.58 -4.54
N TYR A 16 3.81 -8.63 -4.18
CA TYR A 16 4.17 -7.24 -4.38
C TYR A 16 5.28 -6.84 -3.43
N ILE A 17 5.26 -7.33 -2.20
CA ILE A 17 6.38 -7.08 -1.31
C ILE A 17 7.66 -7.64 -1.91
N ARG A 18 7.58 -8.85 -2.46
CA ARG A 18 8.78 -9.45 -3.03
C ARG A 18 9.32 -8.63 -4.17
N LEU A 19 8.44 -8.13 -5.03
CA LEU A 19 8.89 -7.31 -6.15
C LEU A 19 9.57 -6.05 -5.66
N LEU A 20 9.02 -5.46 -4.63
CA LEU A 20 9.60 -4.25 -4.07
C LEU A 20 11.06 -4.46 -3.72
N TYR A 21 11.41 -5.64 -3.22
CA TYR A 21 12.78 -5.92 -2.79
C TYR A 21 13.65 -6.46 -3.91
N THR A 22 13.05 -7.10 -4.90
CA THR A 22 13.86 -7.80 -5.89
C THR A 22 13.90 -7.12 -7.24
N ASP A 23 12.83 -6.45 -7.66
CA ASP A 23 12.76 -5.83 -8.98
C ASP A 23 11.87 -4.61 -8.85
N PRO A 24 12.38 -3.56 -8.23
CA PRO A 24 11.52 -2.40 -7.93
C PRO A 24 10.93 -1.73 -9.16
N ASP A 25 11.59 -1.84 -10.30
CA ASP A 25 11.00 -1.25 -11.50
C ASP A 25 9.76 -2.03 -11.92
N GLN A 26 9.79 -3.36 -11.75
CA GLN A 26 8.61 -4.19 -12.01
C GLN A 26 7.53 -3.97 -10.96
N PHE A 27 7.93 -3.76 -9.70
CA PHE A 27 6.98 -3.37 -8.68
C PHE A 27 6.17 -2.18 -9.14
N LYS A 28 6.85 -1.14 -9.63
N LYS A 28 6.85 -1.13 -9.61
CA LYS A 28 6.14 0.08 -9.99
CA LYS A 28 6.15 0.09 -10.00
C LYS A 28 5.25 -0.13 -11.20
C LYS A 28 5.24 -0.15 -11.20
N LYS A 29 5.75 -0.85 -12.21
CA LYS A 29 4.96 -1.09 -13.41
C LYS A 29 3.75 -1.94 -13.06
N ALA A 30 3.98 -3.00 -12.31
CA ALA A 30 2.87 -3.86 -11.95
C ALA A 30 1.87 -3.13 -11.06
N ALA A 31 2.35 -2.34 -10.11
CA ALA A 31 1.43 -1.64 -9.23
C ALA A 31 0.47 -0.77 -10.04
N ARG A 32 1.01 -0.03 -11.02
N ARG A 32 1.00 0.02 -10.97
CA ARG A 32 0.21 0.91 -11.81
CA ARG A 32 0.12 0.88 -11.74
C ARG A 32 -0.56 0.27 -12.96
C ARG A 32 -0.76 0.07 -12.70
N ASP A 33 -0.21 -0.97 -13.35
CA ASP A 33 -0.82 -1.55 -14.54
C ASP A 33 -1.75 -2.71 -14.16
N LYS A 34 -1.44 -3.43 -13.08
CA LYS A 34 -2.19 -4.61 -12.68
C LYS A 34 -2.92 -4.42 -11.36
N LEU A 35 -2.27 -3.81 -10.39
CA LEU A 35 -2.82 -3.80 -9.04
C LEU A 35 -3.82 -2.67 -8.83
N LEU A 36 -3.47 -1.46 -9.26
CA LEU A 36 -4.27 -0.28 -8.94
C LEU A 36 -5.19 0.13 -10.09
N SER A 37 -6.44 0.43 -9.74
N SER A 37 -6.43 0.43 -9.73
CA SER A 37 -7.40 0.92 -10.71
CA SER A 37 -7.36 0.98 -10.70
C SER A 37 -7.01 2.32 -11.20
C SER A 37 -6.83 2.27 -11.30
N PRO A 38 -7.34 2.63 -12.47
CA PRO A 38 -7.13 4.00 -12.95
C PRO A 38 -7.64 5.08 -12.02
N ASP A 39 -8.78 4.87 -11.37
CA ASP A 39 -9.41 5.86 -10.51
C ASP A 39 -8.99 5.72 -9.06
N VAL A 40 -7.86 5.05 -8.79
CA VAL A 40 -7.52 4.73 -7.41
C VAL A 40 -7.41 6.01 -6.60
N ARG A 41 -7.90 5.97 -5.38
CA ARG A 41 -7.69 7.03 -4.39
C ARG A 41 -7.00 6.40 -3.19
N ILE A 42 -5.89 7.00 -2.73
CA ILE A 42 -5.11 6.49 -1.61
C ILE A 42 -5.15 7.57 -0.54
N GLU A 43 -5.91 7.35 0.50
N GLU A 43 -5.87 7.32 0.54
CA GLU A 43 -6.19 8.34 1.52
CA GLU A 43 -6.02 8.27 1.63
C GLU A 43 -5.32 8.02 2.72
C GLU A 43 -5.02 7.92 2.72
N ILE A 44 -4.23 8.78 2.89
N ILE A 44 -4.05 8.78 2.93
CA ILE A 44 -3.27 8.59 3.98
CA ILE A 44 -3.10 8.64 4.03
C ILE A 44 -3.49 9.74 4.96
C ILE A 44 -3.42 9.77 5.00
N GLY A 45 -4.12 9.43 6.08
CA GLY A 45 -4.66 10.49 6.91
C GLY A 45 -5.55 11.39 6.09
N ASN A 46 -5.40 12.72 6.27
N ASN A 46 -5.38 12.69 6.25
CA ASN A 46 -6.18 13.78 5.59
CA ASN A 46 -6.21 13.67 5.56
C ASN A 46 -5.71 14.04 4.16
C ASN A 46 -5.63 14.10 4.22
N TYR A 47 -4.72 13.31 3.65
CA TYR A 47 -4.06 13.60 2.37
C TYR A 47 -4.44 12.53 1.36
N THR A 48 -4.89 12.98 0.19
CA THR A 48 -5.29 12.07 -0.86
C THR A 48 -4.25 12.02 -1.97
N PHE A 49 -3.85 10.81 -2.34
CA PHE A 49 -2.95 10.56 -3.45
C PHE A 49 -3.75 9.82 -4.52
N ASP A 50 -3.43 10.08 -5.77
CA ASP A 50 -4.17 9.42 -6.85
C ASP A 50 -3.20 9.24 -8.01
N SER A 51 -3.73 8.97 -9.20
N SER A 51 -3.74 8.98 -9.20
CA SER A 51 -2.85 8.62 -10.30
CA SER A 51 -2.86 8.62 -10.30
C SER A 51 -1.85 9.73 -10.60
C SER A 51 -1.86 9.72 -10.60
N ARG A 52 -2.22 10.97 -10.28
CA ARG A 52 -1.32 12.08 -10.51
C ARG A 52 -0.05 11.96 -9.69
N ASN A 53 -0.12 11.27 -8.53
CA ASN A 53 1.01 11.11 -7.63
C ASN A 53 1.79 9.83 -7.80
N LEU A 54 1.30 8.87 -8.58
CA LEU A 54 1.77 7.50 -8.41
C LEU A 54 3.23 7.30 -8.82
N ASP A 55 3.70 7.97 -9.86
CA ASP A 55 5.07 7.68 -10.30
C ASP A 55 6.04 7.99 -9.17
N ARG A 56 5.90 9.16 -8.56
N ARG A 56 5.89 9.16 -8.55
CA ARG A 56 6.84 9.54 -7.51
CA ARG A 56 6.84 9.54 -7.52
C ARG A 56 6.51 8.87 -6.18
C ARG A 56 6.52 8.85 -6.18
N PHE A 57 5.24 8.55 -5.95
CA PHE A 57 4.85 7.83 -4.73
C PHE A 57 5.42 6.43 -4.73
N LEU A 58 5.33 5.74 -5.86
CA LEU A 58 5.88 4.40 -5.92
C LEU A 58 7.41 4.41 -5.85
N ASP A 59 8.06 5.43 -6.41
CA ASP A 59 9.51 5.56 -6.23
C ASP A 59 9.87 5.72 -4.75
N ALA A 60 9.05 6.44 -3.99
CA ALA A 60 9.35 6.68 -2.59
C ALA A 60 9.26 5.38 -1.80
N MET A 61 8.28 4.54 -2.12
CA MET A 61 8.21 3.20 -1.52
C MET A 61 9.43 2.37 -1.82
N GLN A 62 9.95 2.44 -3.05
CA GLN A 62 11.15 1.67 -3.38
C GLN A 62 12.30 2.04 -2.46
N GLU A 63 12.44 3.32 -2.15
N GLU A 63 12.46 3.33 -2.17
CA GLU A 63 13.59 3.70 -1.33
CA GLU A 63 13.57 3.73 -1.32
C GLU A 63 13.33 3.41 0.14
C GLU A 63 13.31 3.39 0.13
N TRP A 64 12.10 3.65 0.61
CA TRP A 64 11.77 3.39 2.01
C TRP A 64 11.92 1.92 2.38
N ALA A 65 11.84 1.04 1.40
CA ALA A 65 11.87 -0.37 1.73
C ALA A 65 13.22 -0.80 2.31
N SER A 66 14.29 -0.11 1.97
CA SER A 66 15.55 -0.61 2.49
C SER A 66 15.70 -0.29 3.97
N ARG A 67 14.77 0.47 4.56
CA ARG A 67 14.87 0.79 5.97
C ARG A 67 14.62 -0.40 6.88
N TYR A 68 14.02 -1.49 6.41
CA TYR A 68 13.55 -2.55 7.30
C TYR A 68 14.29 -3.86 7.13
N ASP A 69 14.49 -4.55 8.26
CA ASP A 69 15.13 -5.85 8.29
C ASP A 69 14.17 -6.99 8.00
N ARG A 70 12.91 -6.82 8.40
CA ARG A 70 11.90 -7.85 8.36
C ARG A 70 10.58 -7.23 8.00
N VAL A 71 9.83 -7.92 7.15
CA VAL A 71 8.51 -7.48 6.72
C VAL A 71 7.63 -8.72 6.76
N GLU A 72 6.51 -8.66 7.48
CA GLU A 72 5.63 -9.81 7.59
C GLU A 72 4.17 -9.36 7.59
N ILE A 73 3.32 -10.11 6.90
CA ILE A 73 1.88 -9.88 6.94
C ILE A 73 1.34 -10.49 8.23
N ARG A 74 0.71 -9.66 9.05
CA ARG A 74 0.19 -10.13 10.32
C ARG A 74 -1.30 -10.37 10.34
N LYS A 75 -2.05 -9.76 9.42
CA LYS A 75 -3.49 -9.91 9.37
C LYS A 75 -3.98 -9.69 7.94
N VAL A 76 -4.85 -10.57 7.48
CA VAL A 76 -5.68 -10.29 6.31
C VAL A 76 -7.10 -10.64 6.67
N GLN A 77 -8.04 -9.72 6.45
N GLN A 77 -8.01 -9.69 6.49
CA GLN A 77 -9.48 -9.94 6.68
CA GLN A 77 -9.44 -9.91 6.62
C GLN A 77 -10.25 -9.45 5.46
C GLN A 77 -10.10 -9.61 5.29
N VAL A 78 -11.05 -10.34 4.85
N VAL A 78 -11.21 -10.29 5.01
CA VAL A 78 -11.83 -9.98 3.67
CA VAL A 78 -11.95 -10.05 3.77
C VAL A 78 -13.30 -9.98 4.03
C VAL A 78 -13.44 -10.11 4.04
N ASP A 79 -14.06 -9.13 3.35
N ASP A 79 -14.15 -9.08 3.58
CA ASP A 79 -15.50 -9.02 3.54
CA ASP A 79 -15.60 -9.01 3.59
C ASP A 79 -16.06 -8.51 2.21
C ASP A 79 -16.04 -8.52 2.21
N GLY A 80 -16.52 -9.44 1.39
CA GLY A 80 -16.82 -9.09 0.02
C GLY A 80 -15.61 -8.46 -0.65
N ASN A 81 -15.80 -7.27 -1.22
CA ASN A 81 -14.69 -6.58 -1.90
C ASN A 81 -13.93 -5.62 -1.00
N HIS A 82 -14.17 -5.66 0.32
CA HIS A 82 -13.47 -4.85 1.31
C HIS A 82 -12.41 -5.70 1.99
N VAL A 83 -11.18 -5.25 1.96
CA VAL A 83 -10.05 -6.02 2.45
C VAL A 83 -9.29 -5.21 3.47
N ARG A 84 -8.87 -5.83 4.56
CA ARG A 84 -7.98 -5.21 5.53
C ARG A 84 -6.67 -6.00 5.57
N VAL A 85 -5.54 -5.30 5.51
CA VAL A 85 -4.22 -5.92 5.56
C VAL A 85 -3.38 -5.19 6.60
N GLU A 86 -2.74 -5.94 7.49
CA GLU A 86 -1.75 -5.37 8.41
C GLU A 86 -0.40 -6.02 8.16
N ILE A 87 0.61 -5.18 7.97
CA ILE A 87 1.96 -5.62 7.71
C ILE A 87 2.85 -5.07 8.81
N GLU A 88 3.67 -5.91 9.38
CA GLU A 88 4.61 -5.48 10.41
C GLU A 88 5.99 -5.34 9.79
N LEU A 89 6.63 -4.23 10.08
CA LEU A 89 7.96 -3.88 9.56
C LEU A 89 8.86 -3.70 10.75
N GLU A 90 10.03 -4.32 10.72
CA GLU A 90 10.89 -4.29 11.88
C GLU A 90 12.30 -3.90 11.48
N SER A 91 12.95 -3.19 12.39
CA SER A 91 14.36 -2.90 12.29
C SER A 91 14.93 -2.75 13.69
N ASN A 92 15.86 -3.61 14.06
CA ASN A 92 16.59 -3.52 15.32
C ASN A 92 15.71 -3.16 16.52
N GLY A 93 14.68 -3.99 16.74
CA GLY A 93 13.84 -3.85 17.90
C GLY A 93 12.79 -2.77 17.79
N LYS A 94 12.74 -2.05 16.68
CA LYS A 94 11.66 -1.11 16.37
C LYS A 94 10.66 -1.80 15.46
N LYS A 95 9.38 -1.61 15.74
CA LYS A 95 8.31 -2.26 15.00
C LYS A 95 7.33 -1.21 14.53
N TRP A 96 7.04 -1.24 13.23
CA TRP A 96 6.05 -0.36 12.64
C TRP A 96 4.92 -1.24 12.13
N THR A 97 3.70 -0.74 12.24
CA THR A 97 2.56 -1.47 11.71
C THR A 97 1.93 -0.65 10.60
N PHE A 98 1.96 -1.21 9.40
CA PHE A 98 1.38 -0.64 8.18
C PHE A 98 0.02 -1.31 8.00
N GLU A 99 -1.06 -0.60 8.30
CA GLU A 99 -2.39 -1.17 8.26
C GLU A 99 -3.23 -0.43 7.25
N ILE A 100 -3.88 -1.16 6.34
CA ILE A 100 -4.63 -0.49 5.29
C ILE A 100 -5.96 -1.19 5.08
N GLU A 101 -6.94 -0.40 4.71
CA GLU A 101 -8.24 -0.85 4.27
C GLU A 101 -8.34 -0.61 2.78
N VAL A 102 -8.84 -1.58 2.03
CA VAL A 102 -8.81 -1.56 0.58
C VAL A 102 -10.20 -1.90 0.07
N GLU A 103 -10.62 -1.25 -1.02
CA GLU A 103 -11.75 -1.65 -1.83
C GLU A 103 -11.30 -2.09 -3.22
N VAL A 104 -11.83 -3.22 -3.71
CA VAL A 104 -11.42 -3.85 -4.97
C VAL A 104 -12.55 -3.74 -5.99
N ARG A 105 -12.22 -3.36 -7.23
CA ARG A 105 -13.20 -3.28 -8.32
C ARG A 105 -12.52 -3.75 -9.59
N ASN A 106 -13.18 -4.62 -10.37
CA ASN A 106 -12.57 -5.15 -11.59
C ASN A 106 -11.24 -5.83 -11.31
N GLY A 107 -11.15 -6.53 -10.18
CA GLY A 107 -9.90 -7.14 -9.78
C GLY A 107 -8.73 -6.23 -9.45
N LYS A 108 -8.99 -4.94 -9.27
CA LYS A 108 -7.96 -3.96 -8.98
C LYS A 108 -8.35 -3.14 -7.75
N ILE A 109 -7.38 -2.47 -7.18
CA ILE A 109 -7.64 -1.63 -6.01
C ILE A 109 -8.18 -0.26 -6.42
N LYS A 110 -9.38 0.06 -5.92
CA LYS A 110 -9.99 1.36 -6.18
C LYS A 110 -9.78 2.37 -5.08
N ARG A 111 -9.69 1.92 -3.82
CA ARG A 111 -9.49 2.82 -2.68
C ARG A 111 -8.55 2.15 -1.70
N ILE A 112 -7.64 2.93 -1.11
CA ILE A 112 -6.79 2.51 0.00
C ILE A 112 -6.95 3.59 1.05
N ARG A 113 -7.13 3.19 2.31
N ARG A 113 -7.17 3.18 2.30
CA ARG A 113 -7.22 4.15 3.40
CA ARG A 113 -7.23 4.12 3.42
C ARG A 113 -6.29 3.70 4.52
C ARG A 113 -6.25 3.67 4.49
N GLN A 114 -5.43 4.60 4.97
CA GLN A 114 -4.51 4.37 6.07
C GLN A 114 -4.72 5.50 7.07
N GLN A 115 -4.68 5.19 8.36
CA GLN A 115 -4.63 6.23 9.36
C GLN A 115 -3.16 6.49 9.72
N VAL A 116 -2.89 7.72 10.10
N VAL A 116 -2.91 7.74 10.12
CA VAL A 116 -1.53 8.10 10.46
CA VAL A 116 -1.59 8.24 10.43
C VAL A 116 -1.58 8.79 11.81
C VAL A 116 -1.61 8.82 11.83
N ASP A 117 -0.62 8.46 12.64
CA ASP A 117 -0.54 9.01 13.98
C ASP A 117 -0.01 10.43 13.92
N PRO A 118 -0.19 11.19 15.00
CA PRO A 118 0.12 12.62 14.97
C PRO A 118 1.55 12.95 14.65
N GLU A 119 2.51 12.08 14.96
CA GLU A 119 3.90 12.45 14.74
C GLU A 119 4.35 12.19 13.31
N TYR A 120 3.50 11.60 12.48
CA TYR A 120 3.83 11.29 11.08
C TYR A 120 3.11 12.23 10.09
N LYS A 121 2.30 13.16 10.58
CA LYS A 121 1.56 14.02 9.67
C LYS A 121 2.51 14.82 8.76
N LYS A 122 3.64 15.31 9.31
CA LYS A 122 4.54 16.14 8.50
C LYS A 122 5.19 15.31 7.40
N VAL A 123 5.47 14.04 7.67
CA VAL A 123 6.00 13.14 6.66
C VAL A 123 5.02 13.02 5.51
N VAL A 124 3.75 12.80 5.83
CA VAL A 124 2.77 12.62 4.77
C VAL A 124 2.54 13.94 4.05
N GLN A 125 2.48 15.05 4.77
CA GLN A 125 2.36 16.35 4.09
C GLN A 125 3.52 16.59 3.13
N ASN A 126 4.75 16.28 3.54
CA ASN A 126 5.85 16.45 2.59
C ASN A 126 5.68 15.56 1.37
N LEU A 127 5.25 14.29 1.56
CA LEU A 127 5.03 13.41 0.42
C LEU A 127 3.97 13.96 -0.52
N TRP A 128 2.91 14.55 0.04
CA TRP A 128 1.83 15.10 -0.77
C TRP A 128 2.28 16.31 -1.55
N ASN A 129 3.14 17.12 -0.98
CA ASN A 129 3.71 18.23 -1.73
C ASN A 129 4.85 17.85 -2.63
N ASN A 130 5.28 16.60 -2.64
CA ASN A 130 6.43 16.27 -3.46
C ASN A 130 6.23 14.99 -4.28
N THR A 131 5.00 14.61 -4.54
CA THR A 131 4.72 13.57 -5.54
C THR A 131 3.80 14.10 -6.65
#